data_3V8J
#
_entry.id   3V8J
#
_cell.length_a   50.132
_cell.length_b   51.401
_cell.length_c   67.584
_cell.angle_alpha   90.00
_cell.angle_beta   108.00
_cell.angle_gamma   90.00
#
_symmetry.space_group_name_H-M   'P 1 21 1'
#
loop_
_entity.id
_entity.type
_entity.pdbx_description
1 polymer 'Biotin ligase'
2 water water
#
_entity_poly.entity_id   1
_entity_poly.type   'polypeptide(L)'
_entity_poly.pdbx_seq_one_letter_code
;HHHHHHMSKYSQDVLQLLYKNKPNYISGQSIAESLNISRTAVKKVIDQLKLEGCKIDSVNHKGHLLQQLPDIWYQGIIDQ
YTKSSALFDFSEVYDSIDSTQLAAKKSLVGNQSSFFILSDEQTKGRGRFNRHWSSSKGQGLWMSVVLRPNVAFSMISKFN
LFIALGIRDAIQHFSQDEVKVKWPNDIYIDNGKVCGFLTEMVANNDGIEAIICGIGINLTQQLENFDESIRHRATSIQLH
DKNKLDRYQFLERLLQEIEKRYNQFLTLPFSEIREEYIAASNIWNRTLLFTENDKQFKGQAIDLDYDGYLIVRDEAGESH
RLISADIDF
;
_entity_poly.pdbx_strand_id   A
#
# COMPACT_ATOMS: atom_id res chain seq x y z
N SER A 8 -20.10 16.77 -4.13
CA SER A 8 -19.03 15.86 -3.74
C SER A 8 -19.43 14.41 -3.96
N LYS A 9 -20.62 14.04 -3.47
CA LYS A 9 -21.24 12.80 -3.90
C LYS A 9 -21.35 12.90 -5.41
N TYR A 10 -21.76 14.09 -5.85
CA TYR A 10 -21.75 14.48 -7.26
C TYR A 10 -20.35 14.44 -7.89
N SER A 11 -19.39 15.04 -7.18
CA SER A 11 -18.00 15.14 -7.64
C SER A 11 -17.47 13.80 -8.13
N GLN A 12 -17.65 12.79 -7.28
CA GLN A 12 -17.08 11.48 -7.50
C GLN A 12 -17.77 10.76 -8.63
N ASP A 13 -19.10 10.86 -8.66
CA ASP A 13 -19.87 10.15 -9.67
C ASP A 13 -19.51 10.67 -11.05
N VAL A 14 -19.38 11.99 -11.16
CA VAL A 14 -18.94 12.61 -12.41
C VAL A 14 -17.54 12.17 -12.78
N LEU A 15 -16.62 12.27 -11.83
CA LEU A 15 -15.22 11.88 -12.04
C LEU A 15 -15.12 10.42 -12.40
N GLN A 16 -15.88 9.58 -11.72
CA GLN A 16 -15.90 8.16 -12.01
C GLN A 16 -16.38 7.94 -13.43
N LEU A 17 -17.46 8.64 -13.77
CA LEU A 17 -18.03 8.58 -15.11
C LEU A 17 -16.97 9.01 -16.14
N LEU A 18 -16.30 10.11 -15.86
CA LEU A 18 -15.22 10.59 -16.72
C LEU A 18 -14.13 9.55 -16.91
N TYR A 19 -13.70 8.95 -15.81
CA TYR A 19 -12.58 8.00 -15.80
C TYR A 19 -12.98 6.77 -16.60
N LYS A 20 -14.18 6.27 -16.33
CA LYS A 20 -14.75 5.15 -17.05
C LYS A 20 -14.72 5.38 -18.54
N ASN A 21 -15.02 6.61 -18.95
CA ASN A 21 -15.22 6.92 -20.36
C ASN A 21 -13.97 7.26 -21.15
N LYS A 22 -12.82 7.36 -20.49
CA LYS A 22 -11.56 7.58 -21.21
C LYS A 22 -11.38 6.53 -22.31
N PRO A 23 -10.83 6.94 -23.47
CA PRO A 23 -10.36 8.30 -23.76
C PRO A 23 -11.40 9.04 -24.59
N ASN A 24 -12.68 8.75 -24.34
CA ASN A 24 -13.78 9.42 -25.02
C ASN A 24 -14.22 10.70 -24.31
N TYR A 25 -14.71 11.65 -25.09
CA TYR A 25 -15.34 12.83 -24.53
C TYR A 25 -16.76 12.48 -24.22
N ILE A 26 -17.33 13.11 -23.22
CA ILE A 26 -18.71 12.86 -22.82
C ILE A 26 -19.37 14.21 -22.57
N SER A 27 -20.59 14.37 -23.08
CA SER A 27 -21.26 15.66 -23.08
C SER A 27 -21.79 15.98 -21.71
N GLY A 28 -21.98 17.27 -21.43
CA GLY A 28 -22.57 17.68 -20.17
C GLY A 28 -23.96 17.10 -20.00
N GLN A 29 -24.64 16.86 -21.13
CA GLN A 29 -26.00 16.34 -21.14
C GLN A 29 -26.01 14.86 -20.80
N SER A 30 -25.11 14.13 -21.43
CA SER A 30 -24.97 12.70 -21.16
C SER A 30 -24.62 12.45 -19.70
N ILE A 31 -23.71 13.26 -19.16
CA ILE A 31 -23.39 13.16 -17.74
C ILE A 31 -24.63 13.45 -16.92
N ALA A 32 -25.29 14.57 -17.23
CA ALA A 32 -26.49 14.97 -16.50
C ALA A 32 -27.55 13.85 -16.49
N GLU A 33 -27.76 13.26 -17.67
CA GLU A 33 -28.71 12.18 -17.84
C GLU A 33 -28.28 10.90 -17.14
N SER A 34 -27.01 10.54 -17.24
CA SER A 34 -26.50 9.34 -16.58
C SER A 34 -26.65 9.42 -15.06
N LEU A 35 -26.30 10.55 -14.47
CA LEU A 35 -26.39 10.68 -13.01
C LEU A 35 -27.75 11.18 -12.55
N ASN A 36 -28.59 11.58 -13.51
CA ASN A 36 -29.89 12.15 -13.21
C ASN A 36 -29.73 13.37 -12.32
N ILE A 37 -28.97 14.35 -12.80
CA ILE A 37 -28.81 15.62 -12.11
C ILE A 37 -28.87 16.74 -13.13
N SER A 38 -29.01 17.97 -12.67
CA SER A 38 -29.17 19.09 -13.60
C SER A 38 -27.89 19.41 -14.40
N ARG A 39 -28.09 19.88 -15.63
CA ARG A 39 -26.97 20.29 -16.47
C ARG A 39 -26.12 21.34 -15.77
N THR A 40 -26.76 22.17 -14.97
CA THR A 40 -26.03 23.20 -14.26
C THR A 40 -25.22 22.59 -13.12
N ALA A 41 -25.74 21.56 -12.46
CA ALA A 41 -25.00 20.86 -11.43
C ALA A 41 -23.71 20.28 -11.98
N VAL A 42 -23.80 19.70 -13.17
CA VAL A 42 -22.65 19.13 -13.85
C VAL A 42 -21.63 20.22 -14.16
N LYS A 43 -22.10 21.35 -14.64
CA LYS A 43 -21.21 22.49 -14.86
C LYS A 43 -20.48 22.89 -13.59
N LYS A 44 -21.21 23.01 -12.48
CA LYS A 44 -20.57 23.40 -11.23
C LYS A 44 -19.58 22.32 -10.80
N VAL A 45 -19.97 21.05 -10.95
CA VAL A 45 -19.10 19.93 -10.61
C VAL A 45 -17.84 19.88 -11.48
N ILE A 46 -17.98 20.10 -12.79
CA ILE A 46 -16.80 20.12 -13.67
C ILE A 46 -15.72 21.17 -13.26
N ASP A 47 -16.15 22.38 -12.94
CA ASP A 47 -15.22 23.41 -12.48
C ASP A 47 -14.59 23.03 -11.15
N GLN A 48 -15.45 22.56 -10.26
CA GLN A 48 -15.05 22.01 -8.97
C GLN A 48 -13.86 21.08 -9.11
N LEU A 49 -14.01 20.05 -9.94
CA LEU A 49 -12.99 19.04 -10.16
C LEU A 49 -11.72 19.67 -10.69
N LYS A 50 -11.87 20.51 -11.71
CA LYS A 50 -10.76 21.24 -12.26
C LYS A 50 -10.13 22.07 -11.15
N LEU A 51 -10.97 22.66 -10.30
CA LEU A 51 -10.43 23.51 -9.22
C LEU A 51 -9.50 22.69 -8.32
N GLU A 52 -9.89 21.44 -8.06
CA GLU A 52 -9.12 20.57 -7.19
C GLU A 52 -7.94 19.95 -7.90
N GLY A 53 -7.65 20.41 -9.11
CA GLY A 53 -6.51 19.92 -9.87
C GLY A 53 -6.71 18.79 -10.86
N CYS A 54 -7.94 18.40 -11.13
CA CYS A 54 -8.15 17.43 -12.22
C CYS A 54 -7.93 18.13 -13.55
N LYS A 55 -7.12 17.53 -14.42
CA LYS A 55 -6.96 18.07 -15.76
C LYS A 55 -8.06 17.53 -16.65
N ILE A 56 -9.09 18.35 -16.86
CA ILE A 56 -10.21 17.98 -17.70
C ILE A 56 -10.27 18.90 -18.91
N ASP A 57 -10.26 18.30 -20.10
CA ASP A 57 -10.34 19.08 -21.31
C ASP A 57 -11.79 19.21 -21.69
N SER A 58 -12.23 20.43 -21.94
CA SER A 58 -13.62 20.64 -22.27
C SER A 58 -13.70 21.36 -23.60
N VAL A 59 -14.41 20.77 -24.55
CA VAL A 59 -14.48 21.36 -25.88
C VAL A 59 -15.92 21.46 -26.36
N ASN A 60 -16.25 22.61 -26.96
CA ASN A 60 -17.57 22.83 -27.51
C ASN A 60 -18.01 21.67 -28.41
N HIS A 61 -19.28 21.27 -28.27
CA HIS A 61 -19.92 20.23 -29.08
C HIS A 61 -19.51 18.80 -28.75
N LYS A 62 -18.49 18.61 -27.92
CA LYS A 62 -18.04 17.25 -27.63
C LYS A 62 -18.17 16.88 -26.16
N GLY A 63 -17.83 17.80 -25.28
CA GLY A 63 -17.96 17.56 -23.86
C GLY A 63 -16.61 17.48 -23.18
N HIS A 64 -16.51 16.59 -22.19
CA HIS A 64 -15.43 16.62 -21.23
C HIS A 64 -14.59 15.36 -21.25
N LEU A 65 -13.28 15.55 -21.09
CA LEU A 65 -12.32 14.45 -21.11
C LEU A 65 -11.33 14.54 -19.96
N LEU A 66 -11.37 13.55 -19.07
CA LEU A 66 -10.36 13.44 -18.00
C LEU A 66 -9.00 13.13 -18.64
N GLN A 67 -8.04 14.02 -18.42
CA GLN A 67 -6.73 13.88 -19.03
C GLN A 67 -5.71 13.40 -18.00
N GLN A 68 -5.91 13.81 -16.76
CA GLN A 68 -4.90 13.59 -15.74
C GLN A 68 -5.48 13.85 -14.35
N LEU A 69 -5.31 12.88 -13.47
CA LEU A 69 -5.67 13.02 -12.07
C LEU A 69 -4.54 13.70 -11.31
N PRO A 70 -4.90 14.53 -10.31
CA PRO A 70 -3.92 15.22 -9.46
C PRO A 70 -3.46 14.30 -8.31
N ASP A 71 -2.50 14.76 -7.50
CA ASP A 71 -1.95 13.91 -6.45
C ASP A 71 -2.81 13.91 -5.20
N ILE A 72 -4.06 13.53 -5.37
CA ILE A 72 -4.98 13.28 -4.27
C ILE A 72 -5.81 12.03 -4.60
N TRP A 73 -6.33 11.40 -3.56
CA TRP A 73 -7.14 10.18 -3.71
C TRP A 73 -8.59 10.54 -3.87
N TYR A 74 -9.20 10.05 -4.94
CA TYR A 74 -10.62 10.23 -5.14
C TYR A 74 -11.37 8.92 -4.98
N GLN A 75 -12.35 8.91 -4.07
CA GLN A 75 -13.18 7.74 -3.83
C GLN A 75 -13.76 7.14 -5.11
N GLY A 76 -14.28 7.99 -5.98
CA GLY A 76 -14.99 7.57 -7.17
C GLY A 76 -14.12 6.77 -8.12
N ILE A 77 -12.84 7.13 -8.23
CA ILE A 77 -11.99 6.37 -9.11
C ILE A 77 -11.37 5.13 -8.41
N ILE A 78 -11.12 5.20 -7.10
CA ILE A 78 -10.66 4.01 -6.38
C ILE A 78 -11.70 2.89 -6.47
N ASP A 79 -12.98 3.24 -6.34
CA ASP A 79 -14.09 2.28 -6.50
C ASP A 79 -13.96 1.44 -7.77
N GLN A 80 -13.40 2.03 -8.83
CA GLN A 80 -13.22 1.27 -10.06
C GLN A 80 -12.24 0.13 -9.88
N TYR A 81 -11.23 0.34 -9.05
CA TYR A 81 -10.26 -0.72 -8.79
C TYR A 81 -10.88 -1.83 -7.95
N THR A 82 -11.73 -1.48 -6.98
CA THR A 82 -12.36 -2.51 -6.13
C THR A 82 -13.52 -3.27 -6.84
N LYS A 83 -14.11 -2.68 -7.86
CA LYS A 83 -15.12 -3.40 -8.64
C LYS A 83 -14.48 -4.54 -9.44
N SER A 84 -13.22 -4.39 -9.80
CA SER A 84 -12.52 -5.47 -10.51
C SER A 84 -11.74 -6.41 -9.56
N SER A 85 -12.02 -6.31 -8.26
CA SER A 85 -11.29 -7.10 -7.27
C SER A 85 -12.12 -8.22 -6.68
N ALA A 86 -11.55 -9.41 -6.65
CA ALA A 86 -12.17 -10.50 -5.91
C ALA A 86 -12.08 -10.27 -4.40
N LEU A 87 -10.97 -9.67 -3.95
CA LEU A 87 -10.65 -9.57 -2.54
C LEU A 87 -11.37 -8.42 -1.83
N PHE A 88 -11.22 -7.21 -2.37
CA PHE A 88 -11.68 -6.03 -1.67
C PHE A 88 -13.15 -5.63 -1.95
N ASP A 89 -13.98 -5.79 -0.93
CA ASP A 89 -15.41 -5.47 -1.06
C ASP A 89 -15.64 -3.98 -1.30
N PHE A 90 -14.75 -3.14 -0.79
CA PHE A 90 -14.87 -1.69 -0.97
C PHE A 90 -13.61 -1.03 -0.42
N SER A 91 -13.44 0.25 -0.71
CA SER A 91 -12.45 1.04 0.00
C SER A 91 -13.10 2.26 0.66
N GLU A 92 -12.50 2.75 1.74
CA GLU A 92 -12.84 4.07 2.26
C GLU A 92 -11.66 5.00 2.00
N VAL A 93 -11.94 6.19 1.49
CA VAL A 93 -10.88 7.14 1.17
C VAL A 93 -11.10 8.42 1.94
N TYR A 94 -10.08 8.85 2.69
CA TYR A 94 -10.15 10.13 3.42
C TYR A 94 -9.10 11.11 2.91
N ASP A 95 -9.35 12.40 3.13
CA ASP A 95 -8.37 13.43 2.84
C ASP A 95 -7.25 13.40 3.88
N SER A 96 -7.66 13.45 5.15
CA SER A 96 -6.74 13.26 6.26
C SER A 96 -7.46 12.64 7.44
N ILE A 97 -6.70 11.86 8.22
CA ILE A 97 -7.11 11.26 9.47
C ILE A 97 -5.83 11.02 10.24
N ASP A 98 -5.96 10.57 11.48
CA ASP A 98 -4.80 10.32 12.32
C ASP A 98 -4.10 9.00 12.00
N SER A 99 -4.90 7.96 11.83
CA SER A 99 -4.36 6.62 11.67
C SER A 99 -5.34 5.74 10.91
N THR A 100 -4.91 5.32 9.73
CA THR A 100 -5.71 4.42 8.93
C THR A 100 -5.93 3.13 9.71
N GLN A 101 -4.97 2.77 10.57
CA GLN A 101 -5.06 1.55 11.37
C GLN A 101 -6.21 1.65 12.36
N LEU A 102 -6.25 2.75 13.11
CA LEU A 102 -7.33 2.94 14.07
C LEU A 102 -8.68 2.88 13.36
N ALA A 103 -8.79 3.59 12.24
CA ALA A 103 -10.01 3.61 11.42
C ALA A 103 -10.40 2.22 10.97
N ALA A 104 -9.41 1.47 10.46
CA ALA A 104 -9.62 0.13 9.97
C ALA A 104 -10.14 -0.77 11.09
N LYS A 105 -9.48 -0.68 12.25
CA LYS A 105 -9.89 -1.46 13.40
C LYS A 105 -11.31 -1.15 13.85
N LYS A 106 -11.72 0.11 13.70
CA LYS A 106 -13.07 0.52 14.05
C LYS A 106 -14.09 -0.05 13.05
N SER A 107 -13.73 -0.05 11.77
CA SER A 107 -14.62 -0.41 10.68
C SER A 107 -14.92 -1.90 10.57
N LEU A 108 -14.07 -2.73 11.13
CA LEU A 108 -14.18 -4.17 10.88
C LEU A 108 -15.17 -4.84 11.85
N VAL A 109 -15.58 -4.09 12.87
CA VAL A 109 -16.49 -4.62 13.87
C VAL A 109 -17.87 -4.87 13.31
N GLY A 110 -18.44 -6.02 13.61
CA GLY A 110 -19.82 -6.30 13.24
C GLY A 110 -19.98 -6.72 11.79
N ASN A 111 -18.86 -7.04 11.15
CA ASN A 111 -18.90 -7.53 9.76
C ASN A 111 -17.72 -8.46 9.50
N GLN A 112 -17.79 -9.17 8.38
CA GLN A 112 -16.68 -9.96 7.88
C GLN A 112 -16.18 -9.40 6.54
N SER A 113 -16.28 -8.09 6.39
CA SER A 113 -15.87 -7.47 5.14
C SER A 113 -14.37 -7.54 4.96
N SER A 114 -13.93 -7.54 3.72
CA SER A 114 -12.54 -7.32 3.42
C SER A 114 -12.45 -6.03 2.61
N PHE A 115 -11.53 -5.15 2.98
CA PHE A 115 -11.55 -3.80 2.45
C PHE A 115 -10.28 -3.08 2.84
N PHE A 116 -10.11 -1.88 2.31
CA PHE A 116 -8.99 -1.05 2.75
C PHE A 116 -9.36 0.41 2.91
N ILE A 117 -8.50 1.09 3.63
CA ILE A 117 -8.70 2.49 3.94
C ILE A 117 -7.48 3.23 3.44
N LEU A 118 -7.71 4.31 2.71
CA LEU A 118 -6.64 5.13 2.20
C LEU A 118 -6.78 6.52 2.76
N SER A 119 -5.66 7.16 3.05
CA SER A 119 -5.73 8.57 3.36
C SER A 119 -4.59 9.29 2.67
N ASP A 120 -4.89 10.45 2.11
CA ASP A 120 -3.86 11.27 1.47
C ASP A 120 -2.81 11.69 2.48
N GLU A 121 -3.29 12.05 3.66
CA GLU A 121 -2.44 12.57 4.73
C GLU A 121 -2.70 11.81 6.04
N GLN A 122 -1.64 11.55 6.80
CA GLN A 122 -1.76 10.87 8.09
C GLN A 122 -1.00 11.64 9.18
N GLY A 138 0.93 16.04 -0.36
CA GLY A 138 0.50 14.65 -0.29
C GLY A 138 1.41 13.71 -1.04
N GLN A 139 2.54 13.38 -0.44
CA GLN A 139 3.58 12.64 -1.16
C GLN A 139 3.71 11.18 -0.74
N GLY A 140 2.88 10.76 0.20
CA GLY A 140 2.92 9.39 0.67
C GLY A 140 1.61 8.63 0.55
N LEU A 141 1.70 7.31 0.60
CA LEU A 141 0.53 6.45 0.53
C LEU A 141 0.36 5.83 1.90
N TRP A 142 -0.76 6.15 2.54
CA TRP A 142 -1.12 5.60 3.83
C TRP A 142 -2.31 4.72 3.61
N MET A 143 -2.18 3.44 3.89
CA MET A 143 -3.24 2.50 3.61
C MET A 143 -3.27 1.45 4.70
N SER A 144 -4.47 1.05 5.09
CA SER A 144 -4.62 -0.08 5.98
C SER A 144 -5.57 -1.03 5.30
N VAL A 145 -5.22 -2.30 5.33
CA VAL A 145 -5.97 -3.34 4.65
C VAL A 145 -6.54 -4.32 5.66
N VAL A 146 -7.83 -4.61 5.53
CA VAL A 146 -8.46 -5.55 6.47
C VAL A 146 -8.82 -6.83 5.75
N LEU A 147 -8.32 -7.93 6.30
CA LEU A 147 -8.42 -9.23 5.67
C LEU A 147 -9.00 -10.23 6.65
N ARG A 148 -9.66 -11.24 6.11
CA ARG A 148 -10.36 -12.24 6.92
C ARG A 148 -9.82 -13.64 6.67
N PRO A 149 -8.55 -13.88 7.02
CA PRO A 149 -8.07 -15.22 6.71
C PRO A 149 -8.56 -16.19 7.79
N ASN A 150 -9.22 -17.26 7.38
CA ASN A 150 -9.56 -18.33 8.30
C ASN A 150 -8.37 -19.28 8.42
N VAL A 151 -7.37 -18.88 9.19
CA VAL A 151 -6.18 -19.69 9.35
C VAL A 151 -5.85 -19.94 10.81
N ALA A 152 -5.04 -20.97 11.03
CA ALA A 152 -4.49 -21.28 12.35
C ALA A 152 -3.66 -20.12 12.87
N PHE A 153 -3.42 -20.12 14.17
CA PHE A 153 -2.51 -19.15 14.77
C PHE A 153 -1.07 -19.43 14.35
N SER A 154 -0.80 -20.66 13.88
CA SER A 154 0.55 -21.07 13.48
C SER A 154 0.93 -20.52 12.10
N MET A 155 -0.03 -19.89 11.44
CA MET A 155 0.21 -19.34 10.10
C MET A 155 0.24 -17.82 10.11
N ILE A 156 -0.18 -17.21 11.20
CA ILE A 156 -0.27 -15.75 11.28
C ILE A 156 1.03 -15.06 10.90
N SER A 157 2.11 -15.46 11.56
CA SER A 157 3.38 -14.73 11.48
C SER A 157 4.06 -14.81 10.12
N LYS A 158 3.64 -15.73 9.27
CA LYS A 158 4.22 -15.77 7.93
C LYS A 158 3.56 -14.75 6.99
N PHE A 159 2.44 -14.16 7.43
CA PHE A 159 1.75 -13.14 6.62
C PHE A 159 2.68 -11.98 6.23
N ASN A 160 3.48 -11.51 7.18
CA ASN A 160 4.42 -10.44 6.88
C ASN A 160 5.42 -10.78 5.79
N LEU A 161 5.81 -12.05 5.74
CA LEU A 161 6.81 -12.49 4.78
C LEU A 161 6.24 -12.43 3.37
N PHE A 162 5.02 -12.93 3.18
CA PHE A 162 4.38 -12.90 1.88
C PHE A 162 4.09 -11.46 1.46
N ILE A 163 3.57 -10.67 2.38
CA ILE A 163 3.08 -9.36 1.99
C ILE A 163 4.25 -8.41 1.65
N ALA A 164 5.38 -8.62 2.32
CA ALA A 164 6.59 -7.85 2.07
C ALA A 164 7.03 -7.99 0.62
N LEU A 165 6.96 -9.22 0.10
CA LEU A 165 7.28 -9.50 -1.29
C LEU A 165 6.31 -8.80 -2.23
N GLY A 166 5.04 -8.73 -1.84
CA GLY A 166 4.05 -8.04 -2.66
C GLY A 166 4.38 -6.58 -2.82
N ILE A 167 4.66 -5.92 -1.71
CA ILE A 167 4.98 -4.51 -1.72
C ILE A 167 6.26 -4.26 -2.48
N ARG A 168 7.25 -5.12 -2.24
CA ARG A 168 8.55 -5.02 -2.90
C ARG A 168 8.37 -5.09 -4.42
N ASP A 169 7.59 -6.07 -4.88
CA ASP A 169 7.34 -6.27 -6.30
C ASP A 169 6.67 -5.05 -6.94
N ALA A 170 5.59 -4.58 -6.33
CA ALA A 170 4.88 -3.39 -6.81
C ALA A 170 5.80 -2.17 -6.94
N ILE A 171 6.61 -1.91 -5.91
CA ILE A 171 7.47 -0.73 -5.90
C ILE A 171 8.56 -0.88 -6.97
N GLN A 172 9.04 -2.12 -7.15
CA GLN A 172 10.12 -2.43 -8.09
C GLN A 172 9.74 -2.13 -9.54
N HIS A 173 8.46 -2.30 -9.88
CA HIS A 173 7.97 -2.00 -11.22
C HIS A 173 8.19 -0.55 -11.63
N PHE A 174 8.35 0.32 -10.63
CA PHE A 174 8.48 1.77 -10.84
C PHE A 174 9.88 2.25 -10.54
N SER A 175 10.73 1.37 -10.01
CA SER A 175 12.05 1.77 -9.59
C SER A 175 13.12 1.19 -10.50
N GLN A 176 14.01 2.05 -10.95
CA GLN A 176 15.13 1.63 -11.76
C GLN A 176 16.19 0.97 -10.89
N ASP A 177 16.09 1.19 -9.59
CA ASP A 177 17.03 0.60 -8.64
C ASP A 177 16.43 -0.59 -7.90
N GLU A 178 17.30 -1.44 -7.35
CA GLU A 178 16.91 -2.67 -6.70
C GLU A 178 16.14 -2.36 -5.41
N VAL A 179 14.90 -2.85 -5.31
CA VAL A 179 14.13 -2.69 -4.07
C VAL A 179 14.33 -3.97 -3.28
N LYS A 180 14.56 -3.82 -1.97
CA LYS A 180 14.89 -4.94 -1.08
C LYS A 180 14.05 -4.95 0.17
N VAL A 181 13.94 -6.11 0.79
CA VAL A 181 13.23 -6.26 2.05
C VAL A 181 14.18 -6.29 3.26
N LYS A 182 13.86 -5.49 4.27
CA LYS A 182 14.51 -5.61 5.56
C LYS A 182 13.54 -6.23 6.57
N TRP A 183 13.78 -7.49 6.91
CA TRP A 183 12.94 -8.24 7.84
C TRP A 183 12.78 -7.49 9.15
N PRO A 184 11.58 -7.51 9.75
CA PRO A 184 10.39 -8.16 9.20
C PRO A 184 9.46 -7.20 8.42
N ASN A 185 9.55 -5.90 8.66
CA ASN A 185 8.54 -5.01 8.06
C ASN A 185 8.97 -3.73 7.31
N ASP A 186 10.22 -3.63 6.85
CA ASP A 186 10.66 -2.46 6.08
C ASP A 186 11.06 -2.80 4.62
N ILE A 187 10.81 -1.87 3.71
CA ILE A 187 11.21 -2.00 2.31
C ILE A 187 12.19 -0.86 2.02
N TYR A 188 13.33 -1.22 1.41
CA TYR A 188 14.38 -0.27 1.09
C TYR A 188 14.63 -0.18 -0.41
N ILE A 189 15.05 0.99 -0.89
CA ILE A 189 15.71 1.09 -2.18
C ILE A 189 17.12 1.60 -1.88
N ASP A 190 18.11 0.77 -2.22
CA ASP A 190 19.49 1.01 -1.80
C ASP A 190 19.51 1.30 -0.29
N ASN A 191 20.04 2.45 0.11
CA ASN A 191 20.16 2.75 1.55
C ASN A 191 19.01 3.53 2.18
N GLY A 192 17.97 3.79 1.41
CA GLY A 192 16.83 4.52 1.93
C GLY A 192 15.60 3.65 2.17
N LYS A 193 15.01 3.81 3.34
CA LYS A 193 13.73 3.17 3.66
C LYS A 193 12.65 3.88 2.84
N VAL A 194 11.92 3.11 2.02
CA VAL A 194 10.88 3.67 1.18
C VAL A 194 9.50 3.26 1.69
N CYS A 195 9.46 2.21 2.49
CA CYS A 195 8.18 1.71 3.01
C CYS A 195 8.35 1.05 4.36
N GLY A 196 7.34 1.19 5.18
CA GLY A 196 7.28 0.45 6.44
C GLY A 196 5.84 0.02 6.60
N PHE A 197 5.64 -1.24 6.96
CA PHE A 197 4.28 -1.68 7.27
C PHE A 197 4.18 -2.31 8.65
N LEU A 198 2.95 -2.55 9.09
CA LEU A 198 2.66 -3.15 10.39
C LEU A 198 1.48 -4.09 10.21
N THR A 199 1.55 -5.27 10.81
CA THR A 199 0.40 -6.17 10.74
C THR A 199 -0.17 -6.40 12.13
N GLU A 200 -1.43 -6.07 12.30
CA GLU A 200 -2.11 -6.35 13.55
C GLU A 200 -3.19 -7.41 13.34
N MET A 201 -3.51 -8.07 14.44
CA MET A 201 -4.45 -9.18 14.40
C MET A 201 -5.51 -8.95 15.47
N VAL A 202 -6.76 -9.31 15.15
CA VAL A 202 -7.88 -9.22 16.08
C VAL A 202 -8.49 -10.61 16.18
N ALA A 203 -8.74 -11.06 17.40
CA ALA A 203 -9.28 -12.41 17.59
C ALA A 203 -10.57 -12.48 18.42
N ASN A 204 -11.24 -13.63 18.32
CA ASN A 204 -12.52 -13.84 18.99
C ASN A 204 -12.34 -14.57 20.29
N ASN A 205 -13.48 -14.91 20.90
CA ASN A 205 -13.52 -15.99 21.85
C ASN A 205 -13.05 -17.27 21.15
N ASP A 206 -13.40 -17.43 19.88
CA ASP A 206 -12.91 -18.57 19.09
C ASP A 206 -11.47 -18.37 18.61
N GLY A 207 -11.31 -17.63 17.50
CA GLY A 207 -9.99 -17.38 16.95
C GLY A 207 -9.89 -16.06 16.18
N ILE A 208 -9.16 -16.07 15.06
CA ILE A 208 -8.88 -14.84 14.30
C ILE A 208 -10.09 -14.14 13.68
N GLU A 209 -10.38 -12.94 14.19
CA GLU A 209 -11.46 -12.14 13.66
C GLU A 209 -11.05 -11.35 12.39
N ALA A 210 -9.79 -10.86 12.37
CA ALA A 210 -9.24 -10.12 11.25
C ALA A 210 -7.73 -9.87 11.31
N ILE A 211 -7.17 -9.55 10.16
CA ILE A 211 -5.82 -9.02 10.02
C ILE A 211 -5.94 -7.58 9.54
N ILE A 212 -5.12 -6.69 10.09
CA ILE A 212 -5.09 -5.29 9.65
C ILE A 212 -3.64 -4.92 9.32
N CYS A 213 -3.36 -4.80 8.05
CA CYS A 213 -2.02 -4.48 7.61
C CYS A 213 -1.90 -2.99 7.29
N GLY A 214 -1.10 -2.28 8.09
CA GLY A 214 -0.94 -0.85 7.94
C GLY A 214 0.28 -0.58 7.09
N ILE A 215 0.09 0.12 5.97
CA ILE A 215 1.16 0.27 4.99
C ILE A 215 1.46 1.74 4.69
N GLY A 216 2.71 2.11 4.93
CA GLY A 216 3.19 3.45 4.72
C GLY A 216 4.30 3.42 3.66
N ILE A 217 4.07 4.13 2.56
CA ILE A 217 5.01 4.19 1.47
C ILE A 217 5.29 5.63 1.06
N ASN A 218 6.57 5.95 0.85
CA ASN A 218 7.01 7.23 0.28
C ASN A 218 6.93 7.24 -1.26
N LEU A 219 5.96 7.98 -1.78
CA LEU A 219 5.70 7.98 -3.21
C LEU A 219 6.58 8.98 -3.98
N THR A 220 6.47 10.27 -3.63
CA THR A 220 7.01 11.32 -4.48
C THR A 220 7.82 12.40 -3.76
N GLN A 221 8.19 12.16 -2.49
CA GLN A 221 9.09 13.06 -1.77
C GLN A 221 10.37 13.36 -2.55
N GLN A 222 10.87 14.57 -2.42
CA GLN A 222 12.23 14.85 -2.82
C GLN A 222 13.05 14.73 -1.55
N LEU A 223 14.37 14.63 -1.67
CA LEU A 223 15.22 14.52 -0.48
C LEU A 223 14.95 15.64 0.51
N GLU A 224 14.65 16.82 -0.02
CA GLU A 224 14.32 17.98 0.81
C GLU A 224 13.02 17.82 1.60
N ASN A 225 12.17 16.86 1.22
CA ASN A 225 10.91 16.65 1.92
C ASN A 225 11.01 15.71 3.14
N PHE A 226 12.21 15.25 3.46
CA PHE A 226 12.44 14.42 4.64
C PHE A 226 13.16 15.22 5.71
N ASP A 227 14.38 15.62 5.38
CA ASP A 227 15.20 16.51 6.19
C ASP A 227 15.52 16.01 7.59
N GLU A 228 14.49 16.05 8.43
CA GLU A 228 14.65 16.17 9.88
C GLU A 228 15.47 15.06 10.55
N SER A 229 16.79 15.06 10.27
CA SER A 229 17.73 14.09 10.84
C SER A 229 17.66 12.70 10.21
N ILE A 230 16.81 12.56 9.20
CA ILE A 230 16.38 11.26 8.71
C ILE A 230 16.80 11.00 7.24
N ARG A 231 17.00 12.11 6.52
CA ARG A 231 17.21 12.18 5.06
C ARG A 231 18.17 11.17 4.42
N HIS A 232 19.28 10.87 5.12
CA HIS A 232 20.27 9.96 4.59
C HIS A 232 19.82 8.50 4.57
N ARG A 233 18.64 8.22 5.10
CA ARG A 233 18.14 6.85 5.08
C ARG A 233 16.65 6.74 4.81
N ALA A 234 16.08 7.80 4.27
CA ALA A 234 14.76 7.74 3.70
C ALA A 234 14.87 7.92 2.19
N THR A 235 13.93 7.36 1.46
CA THR A 235 13.80 7.66 0.04
C THR A 235 12.34 7.47 -0.36
N SER A 236 12.01 7.86 -1.59
CA SER A 236 10.68 7.71 -2.14
C SER A 236 10.79 6.94 -3.44
N ILE A 237 9.66 6.48 -3.96
CA ILE A 237 9.65 5.80 -5.25
C ILE A 237 10.12 6.75 -6.35
N GLN A 238 9.63 7.99 -6.33
CA GLN A 238 9.95 8.95 -7.40
C GLN A 238 11.43 9.24 -7.53
N LEU A 239 12.15 9.16 -6.43
CA LEU A 239 13.58 9.41 -6.44
C LEU A 239 14.34 8.37 -7.27
N HIS A 240 13.69 7.23 -7.54
CA HIS A 240 14.29 6.13 -8.30
C HIS A 240 13.49 5.82 -9.54
N ASP A 241 12.64 6.77 -9.93
CA ASP A 241 11.85 6.65 -11.12
C ASP A 241 12.11 7.83 -12.05
N LYS A 242 12.77 7.57 -13.16
CA LYS A 242 13.05 8.60 -14.16
C LYS A 242 11.76 9.22 -14.75
N ASN A 243 10.69 8.43 -14.77
CA ASN A 243 9.39 8.93 -15.23
C ASN A 243 8.62 9.48 -14.05
N LYS A 244 7.65 10.35 -14.32
CA LYS A 244 6.76 10.83 -13.26
C LYS A 244 5.91 9.70 -12.69
N LEU A 245 5.95 9.56 -11.38
CA LEU A 245 5.17 8.52 -10.69
C LEU A 245 3.67 8.82 -10.68
N ASP A 246 2.91 7.96 -11.31
CA ASP A 246 1.45 8.07 -11.32
C ASP A 246 0.94 7.28 -10.14
N ARG A 247 0.44 7.98 -9.11
CA ARG A 247 0.04 7.34 -7.86
C ARG A 247 -1.07 6.32 -8.07
N TYR A 248 -1.93 6.56 -9.05
CA TYR A 248 -3.01 5.66 -9.32
C TYR A 248 -2.47 4.39 -9.97
N GLN A 249 -1.56 4.58 -10.92
CA GLN A 249 -0.92 3.45 -11.54
C GLN A 249 -0.21 2.59 -10.48
N PHE A 250 0.49 3.24 -9.55
CA PHE A 250 1.14 2.49 -8.47
C PHE A 250 0.19 1.76 -7.51
N LEU A 251 -0.89 2.45 -7.14
CA LEU A 251 -1.88 1.89 -6.24
C LEU A 251 -2.46 0.64 -6.87
N GLU A 252 -2.81 0.73 -8.15
CA GLU A 252 -3.37 -0.41 -8.86
C GLU A 252 -2.42 -1.61 -8.84
N ARG A 253 -1.16 -1.35 -9.09
CA ARG A 253 -0.16 -2.39 -9.05
C ARG A 253 -0.02 -2.94 -7.63
N LEU A 254 -0.08 -2.07 -6.63
CA LEU A 254 0.15 -2.49 -5.24
C LEU A 254 -1.00 -3.38 -4.79
N LEU A 255 -2.22 -3.06 -5.19
CA LEU A 255 -3.37 -3.88 -4.76
C LEU A 255 -3.32 -5.24 -5.45
N GLN A 256 -2.94 -5.26 -6.72
CA GLN A 256 -2.77 -6.54 -7.40
C GLN A 256 -1.72 -7.44 -6.73
N GLU A 257 -0.60 -6.86 -6.30
CA GLU A 257 0.44 -7.69 -5.68
C GLU A 257 0.00 -8.15 -4.30
N ILE A 258 -0.68 -7.27 -3.57
CA ILE A 258 -1.19 -7.61 -2.25
C ILE A 258 -2.17 -8.79 -2.37
N GLU A 259 -3.07 -8.71 -3.32
CA GLU A 259 -4.07 -9.76 -3.46
C GLU A 259 -3.35 -11.04 -3.80
N LYS A 260 -2.45 -10.95 -4.75
CA LYS A 260 -1.69 -12.11 -5.18
C LYS A 260 -0.93 -12.79 -4.04
N ARG A 261 -0.18 -12.00 -3.27
CA ARG A 261 0.64 -12.57 -2.20
C ARG A 261 -0.25 -13.06 -1.08
N TYR A 262 -1.41 -12.44 -0.91
CA TYR A 262 -2.37 -12.91 0.08
C TYR A 262 -2.86 -14.31 -0.27
N ASN A 263 -3.21 -14.52 -1.54
CA ASN A 263 -3.62 -15.84 -2.01
C ASN A 263 -2.51 -16.88 -1.80
N GLN A 264 -1.26 -16.49 -2.07
CA GLN A 264 -0.11 -17.31 -1.76
C GLN A 264 -0.07 -17.69 -0.28
N PHE A 265 -0.27 -16.68 0.58
CA PHE A 265 -0.24 -16.89 2.02
C PHE A 265 -1.24 -17.98 2.44
N LEU A 266 -2.41 -17.95 1.83
CA LEU A 266 -3.49 -18.85 2.19
C LEU A 266 -3.28 -20.25 1.67
N THR A 267 -2.47 -20.37 0.62
CA THR A 267 -2.36 -21.63 -0.08
C THR A 267 -0.98 -22.31 0.01
N LEU A 268 0.09 -21.53 0.17
CA LEU A 268 1.46 -22.06 0.17
C LEU A 268 2.14 -21.96 1.53
N PRO A 269 3.03 -22.94 1.84
CA PRO A 269 3.91 -22.82 3.01
C PRO A 269 5.00 -21.79 2.74
N PHE A 270 5.49 -21.12 3.79
CA PHE A 270 6.51 -20.10 3.58
C PHE A 270 7.73 -20.66 2.84
N SER A 271 8.01 -21.94 3.08
CA SER A 271 9.15 -22.62 2.47
C SER A 271 9.16 -22.44 0.95
N GLU A 272 7.98 -22.33 0.36
CA GLU A 272 7.87 -22.09 -1.08
C GLU A 272 8.29 -20.69 -1.53
N ILE A 273 8.17 -19.69 -0.65
CA ILE A 273 8.62 -18.34 -1.01
C ILE A 273 9.91 -17.95 -0.29
N ARG A 274 10.46 -18.90 0.45
CA ARG A 274 11.56 -18.62 1.36
C ARG A 274 12.83 -18.16 0.65
N GLU A 275 13.16 -18.82 -0.46
CA GLU A 275 14.39 -18.49 -1.19
C GLU A 275 14.25 -17.17 -1.90
N GLU A 276 13.07 -16.93 -2.47
CA GLU A 276 12.74 -15.64 -3.07
C GLU A 276 12.90 -14.54 -2.02
N TYR A 277 12.40 -14.78 -0.82
CA TYR A 277 12.47 -13.83 0.27
C TYR A 277 13.91 -13.52 0.61
N ILE A 278 14.68 -14.58 0.69
CA ILE A 278 16.09 -14.51 0.97
C ILE A 278 16.82 -13.71 -0.09
N ALA A 279 16.58 -14.06 -1.35
CA ALA A 279 17.17 -13.33 -2.47
C ALA A 279 16.79 -11.84 -2.47
N ALA A 280 15.66 -11.50 -1.87
CA ALA A 280 15.16 -10.12 -1.92
C ALA A 280 15.51 -9.33 -0.65
N SER A 281 16.34 -9.91 0.21
CA SER A 281 16.64 -9.33 1.50
C SER A 281 17.98 -8.59 1.54
N ASN A 282 18.02 -7.50 2.30
CA ASN A 282 19.23 -6.69 2.37
C ASN A 282 19.93 -6.80 3.72
N ILE A 283 19.71 -7.91 4.41
CA ILE A 283 20.26 -8.04 5.76
C ILE A 283 21.46 -8.96 5.89
N TRP A 284 21.92 -9.55 4.79
CA TRP A 284 23.00 -10.51 4.88
C TRP A 284 24.37 -9.82 4.93
N ASN A 285 25.37 -10.55 5.43
CA ASN A 285 26.80 -10.21 5.29
C ASN A 285 27.23 -8.88 5.90
N ARG A 286 26.66 -8.56 7.05
CA ARG A 286 27.08 -7.41 7.82
C ARG A 286 26.59 -7.59 9.23
N THR A 287 27.20 -6.84 10.13
CA THR A 287 26.88 -6.98 11.54
C THR A 287 25.77 -6.03 11.92
N LEU A 288 24.67 -6.58 12.44
CA LEU A 288 23.49 -5.77 12.74
C LEU A 288 23.25 -5.69 14.22
N LEU A 289 22.37 -4.77 14.59
CA LEU A 289 21.93 -4.68 15.96
C LEU A 289 20.54 -5.32 16.05
N PHE A 290 20.37 -6.23 17.00
CA PHE A 290 19.12 -6.96 17.18
C PHE A 290 18.48 -6.61 18.51
N THR A 291 17.20 -6.28 18.48
CA THR A 291 16.47 -5.94 19.71
C THR A 291 15.27 -6.85 19.88
N GLU A 292 15.39 -7.80 20.80
CA GLU A 292 14.50 -8.94 20.89
C GLU A 292 13.21 -8.63 21.62
N ASN A 293 13.32 -8.59 22.95
CA ASN A 293 12.17 -8.37 23.84
C ASN A 293 12.63 -8.33 25.29
N LYS A 295 17.63 -8.39 25.57
CA LYS A 295 16.89 -7.44 24.74
C LYS A 295 17.68 -7.07 23.49
N GLN A 296 18.88 -6.53 23.65
CA GLN A 296 19.71 -6.13 22.51
C GLN A 296 21.03 -6.88 22.39
N PHE A 297 21.38 -7.25 21.16
CA PHE A 297 22.66 -7.87 20.89
C PHE A 297 23.09 -7.69 19.44
N LYS A 298 24.37 -7.86 19.17
CA LYS A 298 24.88 -7.70 17.81
C LYS A 298 25.22 -9.05 17.19
N GLY A 299 25.02 -9.15 15.89
CA GLY A 299 25.41 -10.34 15.18
C GLY A 299 25.12 -10.24 13.70
N GLN A 300 25.31 -11.34 12.98
CA GLN A 300 24.94 -11.44 11.57
C GLN A 300 23.76 -12.37 11.41
N ALA A 301 22.85 -12.00 10.51
CA ALA A 301 21.75 -12.87 10.11
C ALA A 301 22.31 -13.86 9.12
N ILE A 302 22.15 -15.15 9.38
CA ILE A 302 22.69 -16.15 8.47
C ILE A 302 21.66 -16.97 7.73
N ASP A 303 20.41 -16.96 8.21
CA ASP A 303 19.35 -17.67 7.51
C ASP A 303 17.97 -17.22 7.94
N LEU A 304 16.99 -17.53 7.09
CA LEU A 304 15.60 -17.51 7.46
C LEU A 304 15.15 -18.97 7.41
N ASP A 305 14.69 -19.52 8.53
CA ASP A 305 14.30 -20.92 8.53
C ASP A 305 12.97 -21.19 7.81
N TYR A 306 12.61 -22.46 7.72
CA TYR A 306 11.39 -22.87 7.01
C TYR A 306 10.16 -22.29 7.65
N ASP A 307 10.26 -22.02 8.95
CA ASP A 307 9.15 -21.44 9.69
C ASP A 307 9.15 -19.90 9.67
N GLY A 308 10.13 -19.30 9.02
CA GLY A 308 10.19 -17.85 8.93
C GLY A 308 10.80 -17.19 10.16
N TYR A 309 11.51 -17.99 10.96
CA TYR A 309 12.30 -17.45 12.05
C TYR A 309 13.65 -17.00 11.50
N LEU A 310 14.10 -15.84 11.96
CA LEU A 310 15.41 -15.35 11.55
C LEU A 310 16.49 -16.06 12.35
N ILE A 311 17.42 -16.71 11.68
CA ILE A 311 18.56 -17.31 12.37
C ILE A 311 19.73 -16.33 12.42
N VAL A 312 20.16 -16.02 13.65
CA VAL A 312 21.15 -14.98 13.88
C VAL A 312 22.32 -15.49 14.71
N ARG A 313 23.54 -15.24 14.24
CA ARG A 313 24.74 -15.61 14.98
C ARG A 313 25.33 -14.37 15.67
N ASP A 314 25.40 -14.40 16.99
CA ASP A 314 25.86 -13.22 17.72
C ASP A 314 27.38 -13.11 17.67
N GLU A 315 27.92 -12.03 18.27
CA GLU A 315 29.36 -11.83 18.21
C GLU A 315 30.09 -12.77 19.18
N ALA A 316 29.35 -13.31 20.15
CA ALA A 316 29.83 -14.41 21.00
C ALA A 316 29.65 -15.77 20.31
N GLY A 317 29.11 -15.76 19.09
CA GLY A 317 28.99 -16.98 18.29
C GLY A 317 27.80 -17.89 18.59
N GLU A 318 26.94 -17.46 19.50
CA GLU A 318 25.73 -18.22 19.85
C GLU A 318 24.58 -17.96 18.86
N SER A 319 24.10 -19.03 18.22
CA SER A 319 23.00 -18.92 17.28
C SER A 319 21.70 -18.65 18.02
N HIS A 320 20.92 -17.71 17.52
CA HIS A 320 19.63 -17.38 18.11
C HIS A 320 18.56 -17.64 17.07
N ARG A 321 17.32 -17.79 17.52
CA ARG A 321 16.20 -18.03 16.62
C ARG A 321 15.07 -17.07 16.95
N LEU A 322 14.88 -16.07 16.10
CA LEU A 322 13.96 -14.98 16.40
C LEU A 322 12.74 -15.01 15.48
N ILE A 323 11.54 -15.01 16.06
CA ILE A 323 10.33 -14.85 15.25
C ILE A 323 10.03 -13.38 14.99
N SER A 324 10.42 -12.52 15.92
CA SER A 324 10.34 -11.10 15.69
C SER A 324 11.31 -10.31 16.54
N ALA A 325 11.99 -9.38 15.88
CA ALA A 325 12.83 -8.41 16.52
C ALA A 325 12.97 -7.31 15.50
N ASP A 326 13.37 -6.12 15.93
CA ASP A 326 13.70 -5.14 14.93
C ASP A 326 15.18 -5.29 14.59
N ILE A 327 15.48 -5.36 13.32
CA ILE A 327 16.85 -5.31 12.87
C ILE A 327 17.18 -3.86 12.67
N ASP A 328 18.32 -3.43 13.18
CA ASP A 328 18.72 -2.04 13.07
C ASP A 328 20.15 -1.90 12.55
N PHE A 329 20.29 -1.34 11.35
CA PHE A 329 21.60 -1.06 10.77
C PHE A 329 22.50 -0.19 11.64
#